data_5JMR
#
_entry.id   5JMR
#
_cell.length_a   91.411
_cell.length_b   91.411
_cell.length_c   211.290
_cell.angle_alpha   90.00
_cell.angle_beta   90.00
_cell.angle_gamma   90.00
#
_symmetry.space_group_name_H-M   'I 41 2 2'
#
loop_
_entity.id
_entity.type
_entity.pdbx_description
1 polymer 'camelid VHH fragment'
2 non-polymer 'CHLORIDE ION'
3 water water
#
_entity_poly.entity_id   1
_entity_poly.type   'polypeptide(L)'
_entity_poly.pdbx_seq_one_letter_code
;MAQVQLQESGGGLVQPGGSLTLSCAASGFTFSSYSMYWVRQAPGKGLEWVSSINRVGSNTDYADSVKGRFTISRDNAKNT
LYLQMNSLKSEDTALYYCAVGMYAAPPWRGQGTQVTVSSHHHHHH
;
_entity_poly.pdbx_strand_id   A,B
#
loop_
_chem_comp.id
_chem_comp.type
_chem_comp.name
_chem_comp.formula
CL non-polymer 'CHLORIDE ION' 'Cl -1'
#
# COMPACT_ATOMS: atom_id res chain seq x y z
N GLN A 3 25.25 -2.84 5.02
CA GLN A 3 24.36 -2.72 3.88
C GLN A 3 23.63 -1.37 3.86
N VAL A 4 23.13 -0.97 2.70
CA VAL A 4 22.27 0.22 2.60
C VAL A 4 21.00 0.04 3.42
N GLN A 5 20.79 0.93 4.40
CA GLN A 5 19.59 0.89 5.22
C GLN A 5 18.94 2.24 5.45
N LEU A 6 17.62 2.26 5.38
CA LEU A 6 16.82 3.41 5.73
C LEU A 6 15.80 2.95 6.73
N GLN A 7 15.84 3.49 7.94
CA GLN A 7 14.89 3.05 8.96
C GLN A 7 14.01 4.19 9.42
N GLU A 8 12.73 4.10 9.10
CA GLU A 8 11.76 5.09 9.54
C GLU A 8 11.27 4.77 10.94
N SER A 9 10.93 5.81 11.69
CA SER A 9 10.32 5.66 12.99
C SER A 9 9.50 6.90 13.26
N GLY A 10 8.70 6.89 14.32
CA GLY A 10 8.00 8.09 14.77
C GLY A 10 6.55 8.11 14.36
N GLY A 11 6.09 7.05 13.71
CA GLY A 11 4.68 6.95 13.40
C GLY A 11 3.88 6.67 14.65
N GLY A 12 2.56 6.72 14.51
CA GLY A 12 1.66 6.47 15.61
C GLY A 12 0.21 6.64 15.23
N LEU A 13 -0.66 6.56 16.22
CA LEU A 13 -2.09 6.81 16.05
C LEU A 13 -2.40 8.10 16.74
N VAL A 14 -3.11 8.99 16.08
CA VAL A 14 -3.26 10.34 16.59
C VAL A 14 -4.60 10.87 16.10
N GLN A 15 -5.22 11.78 16.83
CA GLN A 15 -6.50 12.33 16.37
C GLN A 15 -6.24 13.47 15.41
N PRO A 16 -7.21 13.74 14.51
CA PRO A 16 -7.10 14.84 13.56
C PRO A 16 -6.75 16.15 14.23
N GLY A 17 -5.93 16.97 13.58
CA GLY A 17 -5.46 18.20 14.20
C GLY A 17 -4.15 18.03 14.95
N GLY A 18 -3.79 16.79 15.26
CA GLY A 18 -2.57 16.52 15.99
C GLY A 18 -1.30 16.59 15.16
N SER A 19 -0.17 16.31 15.80
CA SER A 19 1.11 16.35 15.15
C SER A 19 1.89 15.09 15.37
N LEU A 20 2.86 14.87 14.49
CA LEU A 20 3.82 13.78 14.63
C LEU A 20 5.12 14.23 13.97
N THR A 21 6.25 13.65 14.38
CA THR A 21 7.49 13.85 13.67
C THR A 21 8.16 12.53 13.30
N LEU A 22 8.34 12.33 12.00
CA LEU A 22 8.96 11.11 11.52
C LEU A 22 10.46 11.28 11.40
N SER A 23 11.19 10.24 11.74
CA SER A 23 12.64 10.23 11.57
C SER A 23 13.01 9.09 10.66
N CYS A 24 14.10 9.27 9.94
CA CYS A 24 14.62 8.23 9.09
C CYS A 24 16.12 8.14 9.28
N ALA A 25 16.60 7.05 9.84
CA ALA A 25 18.02 6.90 10.08
C ALA A 25 18.66 6.21 8.89
N ALA A 26 19.60 6.88 8.24
CA ALA A 26 20.26 6.33 7.06
C ALA A 26 21.64 5.79 7.40
N SER A 27 21.97 4.62 6.86
CA SER A 27 23.29 4.05 7.01
C SER A 27 23.72 3.26 5.77
N GLY A 28 25.03 3.03 5.64
CA GLY A 28 25.56 2.14 4.63
C GLY A 28 25.76 2.79 3.28
N PHE A 29 25.67 4.11 3.25
CA PHE A 29 25.94 4.88 2.06
C PHE A 29 26.20 6.31 2.50
N THR A 30 26.66 7.15 1.58
CA THR A 30 26.95 8.52 1.93
C THR A 30 25.69 9.37 1.82
N PHE A 31 25.01 9.51 2.95
CA PHE A 31 23.75 10.25 3.08
C PHE A 31 23.81 11.60 2.38
N SER A 32 24.91 12.30 2.61
CA SER A 32 25.10 13.64 2.05
C SER A 32 25.14 13.70 0.54
N SER A 33 25.35 12.56 -0.10
CA SER A 33 25.41 12.52 -1.55
C SER A 33 24.05 12.41 -2.21
N TYR A 34 22.99 12.37 -1.41
CA TYR A 34 21.68 12.12 -1.97
C TYR A 34 20.64 13.12 -1.54
N SER A 35 19.85 13.58 -2.50
CA SER A 35 18.59 14.21 -2.17
C SER A 35 17.69 13.13 -1.50
N MET A 36 16.76 13.55 -0.65
CA MET A 36 15.94 12.63 0.11
C MET A 36 14.47 12.93 -0.07
N TYR A 37 13.64 11.91 0.10
CA TYR A 37 12.21 11.98 -0.16
C TYR A 37 11.40 11.33 0.96
N TRP A 38 10.26 11.92 1.26
CA TRP A 38 9.21 11.23 1.97
C TRP A 38 8.11 10.90 0.97
N VAL A 39 7.71 9.64 0.93
CA VAL A 39 6.58 9.21 0.13
C VAL A 39 5.60 8.44 1.03
N ARG A 40 4.34 8.36 0.66
CA ARG A 40 3.40 7.65 1.50
C ARG A 40 2.47 6.77 0.67
N GLN A 41 2.15 5.59 1.21
CA GLN A 41 1.13 4.74 0.58
C GLN A 41 -0.03 4.41 1.51
N ALA A 42 -1.25 4.62 1.04
CA ALA A 42 -2.42 4.19 1.80
C ALA A 42 -3.39 3.45 0.88
N PRO A 43 -4.08 2.42 1.41
CA PRO A 43 -4.97 1.56 0.63
C PRO A 43 -5.93 2.35 -0.25
N GLY A 44 -5.89 2.08 -1.55
CA GLY A 44 -6.81 2.70 -2.47
C GLY A 44 -6.28 3.98 -3.08
N LYS A 45 -5.17 4.48 -2.55
CA LYS A 45 -4.63 5.75 -3.04
C LYS A 45 -3.26 5.57 -3.66
N GLY A 46 -2.69 4.38 -3.54
CA GLY A 46 -1.41 4.11 -4.14
C GLY A 46 -0.27 4.87 -3.48
N LEU A 47 0.80 5.09 -4.23
CA LEU A 47 1.95 5.80 -3.73
C LEU A 47 1.87 7.25 -4.16
N GLU A 48 2.01 8.15 -3.20
CA GLU A 48 2.01 9.55 -3.50
C GLU A 48 3.20 10.22 -2.81
N TRP A 49 3.82 11.12 -3.54
N TRP A 49 3.87 11.10 -3.52
CA TRP A 49 4.98 11.85 -3.05
CA TRP A 49 5.05 11.70 -2.94
C TRP A 49 4.54 12.84 -1.98
C TRP A 49 4.58 12.80 -2.00
N VAL A 50 5.34 13.01 -0.94
CA VAL A 50 4.98 13.96 0.10
C VAL A 50 5.91 15.16 0.11
N SER A 51 7.21 14.90 0.14
CA SER A 51 8.15 15.98 0.30
C SER A 51 9.54 15.58 -0.16
N SER A 52 10.34 16.56 -0.55
CA SER A 52 11.73 16.30 -0.95
C SER A 52 12.68 17.37 -0.42
N ILE A 53 13.96 17.03 -0.36
CA ILE A 53 14.96 17.94 0.15
C ILE A 53 16.25 17.66 -0.61
N ASN A 54 16.99 18.72 -0.99
CA ASN A 54 18.25 18.49 -1.70
C ASN A 54 19.32 18.07 -0.71
N ARG A 55 20.55 17.95 -1.19
CA ARG A 55 21.60 17.34 -0.38
C ARG A 55 21.95 18.11 0.88
N VAL A 56 21.73 19.41 0.90
CA VAL A 56 22.11 20.20 2.07
C VAL A 56 20.93 20.93 2.71
N GLY A 57 19.74 20.76 2.16
CA GLY A 57 18.57 21.36 2.77
C GLY A 57 18.28 22.79 2.34
N SER A 58 19.06 23.29 1.39
CA SER A 58 18.86 24.64 0.88
C SER A 58 17.64 24.76 0.00
N ASN A 59 17.12 23.62 -0.44
CA ASN A 59 15.90 23.62 -1.23
C ASN A 59 15.04 22.42 -0.84
N THR A 60 13.74 22.67 -0.75
CA THR A 60 12.81 21.66 -0.31
C THR A 60 11.57 21.80 -1.16
N ASP A 61 10.83 20.72 -1.29
CA ASP A 61 9.54 20.78 -1.96
C ASP A 61 8.47 19.97 -1.28
N TYR A 62 7.23 20.31 -1.56
CA TYR A 62 6.10 19.71 -0.92
C TYR A 62 5.01 19.44 -1.92
N ALA A 63 4.40 18.27 -1.81
CA ALA A 63 3.15 18.01 -2.50
C ALA A 63 2.14 19.02 -2.04
N ASP A 64 1.26 19.40 -2.95
CA ASP A 64 0.28 20.44 -2.70
C ASP A 64 -0.62 20.17 -1.50
N SER A 65 -0.91 18.89 -1.24
CA SER A 65 -1.83 18.54 -0.16
C SER A 65 -1.24 18.73 1.24
N VAL A 66 0.08 18.82 1.34
CA VAL A 66 0.71 18.93 2.65
C VAL A 66 1.42 20.26 2.86
N LYS A 67 1.39 21.11 1.83
CA LYS A 67 2.06 22.41 1.86
C LYS A 67 1.58 23.27 3.01
N GLY A 68 2.52 23.80 3.77
CA GLY A 68 2.16 24.60 4.93
C GLY A 68 1.88 23.79 6.19
N ARG A 69 1.77 22.47 6.08
CA ARG A 69 1.50 21.63 7.26
C ARG A 69 2.70 20.77 7.61
N PHE A 70 3.44 20.33 6.61
CA PHE A 70 4.56 19.45 6.82
C PHE A 70 5.85 20.19 6.57
N THR A 71 6.92 19.76 7.22
CA THR A 71 8.25 20.33 7.04
C THR A 71 9.27 19.22 6.97
N ILE A 72 10.03 19.16 5.89
CA ILE A 72 11.09 18.18 5.77
C ILE A 72 12.41 18.84 6.21
N SER A 73 13.31 18.08 6.79
CA SER A 73 14.62 18.61 7.15
C SER A 73 15.57 17.45 7.23
N ARG A 74 16.86 17.74 7.25
CA ARG A 74 17.84 16.68 7.36
C ARG A 74 18.98 17.09 8.26
N ASP A 75 19.62 16.10 8.85
CA ASP A 75 20.83 16.30 9.62
C ASP A 75 21.96 15.51 8.99
N ASN A 76 22.86 16.20 8.30
CA ASN A 76 23.93 15.49 7.61
C ASN A 76 25.07 15.03 8.51
N ALA A 77 25.09 15.52 9.75
CA ALA A 77 26.00 14.99 10.76
C ALA A 77 25.49 13.64 11.29
N LYS A 78 24.20 13.59 11.61
CA LYS A 78 23.60 12.37 12.16
C LYS A 78 23.02 11.44 11.11
N ASN A 79 23.01 11.91 9.85
CA ASN A 79 22.49 11.12 8.75
C ASN A 79 21.05 10.73 9.02
N THR A 80 20.24 11.74 9.25
CA THR A 80 18.87 11.52 9.61
C THR A 80 17.98 12.46 8.83
N LEU A 81 16.85 11.93 8.37
CA LEU A 81 15.84 12.69 7.66
C LEU A 81 14.64 12.86 8.57
N TYR A 82 13.97 13.99 8.49
CA TYR A 82 12.85 14.24 9.36
C TYR A 82 11.68 14.74 8.58
N LEU A 83 10.49 14.55 9.15
CA LEU A 83 9.29 15.12 8.62
C LEU A 83 8.39 15.52 9.76
N GLN A 84 8.27 16.81 10.03
CA GLN A 84 7.36 17.25 11.07
C GLN A 84 6.02 17.48 10.44
N MET A 85 4.99 16.92 11.05
CA MET A 85 3.64 17.02 10.50
C MET A 85 2.71 17.71 11.46
N ASN A 86 2.07 18.77 11.01
CA ASN A 86 1.11 19.47 11.83
C ASN A 86 -0.24 19.39 11.18
N SER A 87 -1.28 19.62 11.97
CA SER A 87 -2.65 19.70 11.49
C SER A 87 -3.01 18.46 10.69
N LEU A 88 -2.74 17.29 11.26
CA LEU A 88 -2.97 16.04 10.58
C LEU A 88 -4.45 15.86 10.29
N LYS A 89 -4.74 15.30 9.11
CA LYS A 89 -6.09 14.96 8.71
C LYS A 89 -6.18 13.46 8.47
N SER A 90 -7.42 12.95 8.51
CA SER A 90 -7.76 11.58 8.10
C SER A 90 -7.03 11.15 6.86
N GLU A 91 -7.03 12.02 5.87
CA GLU A 91 -6.45 11.73 4.57
C GLU A 91 -4.94 11.60 4.62
N ASP A 92 -4.32 11.95 5.73
CA ASP A 92 -2.87 11.77 5.85
C ASP A 92 -2.54 10.36 6.33
N THR A 93 -3.56 9.56 6.64
CA THR A 93 -3.34 8.20 7.12
C THR A 93 -2.65 7.38 6.04
N ALA A 94 -1.50 6.79 6.37
CA ALA A 94 -0.70 6.09 5.38
C ALA A 94 0.51 5.48 6.03
N LEU A 95 1.15 4.61 5.28
CA LEU A 95 2.45 4.09 5.59
C LEU A 95 3.46 5.05 4.96
N TYR A 96 4.30 5.66 5.79
CA TYR A 96 5.26 6.66 5.30
C TYR A 96 6.64 6.09 5.09
N TYR A 97 7.23 6.37 3.95
CA TYR A 97 8.57 5.88 3.67
C TYR A 97 9.54 7.02 3.43
N CYS A 98 10.79 6.82 3.79
CA CYS A 98 11.76 7.74 3.25
C CYS A 98 12.58 6.98 2.23
N ALA A 99 13.12 7.71 1.26
CA ALA A 99 13.71 7.11 0.07
C ALA A 99 14.63 8.11 -0.58
N VAL A 100 15.60 7.64 -1.35
CA VAL A 100 16.50 8.51 -2.09
C VAL A 100 15.90 9.00 -3.42
N GLY A 101 14.70 8.54 -3.75
CA GLY A 101 14.03 9.00 -4.95
C GLY A 101 12.54 8.82 -4.80
N MET A 102 11.75 9.57 -5.58
CA MET A 102 10.30 9.41 -5.61
C MET A 102 9.84 7.97 -5.81
N TYR A 103 10.63 7.21 -6.55
CA TYR A 103 10.21 5.91 -7.05
C TYR A 103 11.24 4.87 -6.67
N ALA A 104 12.13 5.20 -5.75
CA ALA A 104 13.14 4.23 -5.32
C ALA A 104 12.51 3.02 -4.64
N ALA A 105 13.17 1.87 -4.76
CA ALA A 105 12.73 0.63 -4.13
C ALA A 105 13.78 0.17 -3.14
N PRO A 106 13.40 -0.69 -2.17
CA PRO A 106 14.35 -1.22 -1.18
C PRO A 106 15.59 -1.75 -1.85
N PRO A 107 16.77 -1.53 -1.25
CA PRO A 107 16.99 -0.87 0.04
C PRO A 107 16.99 0.64 -0.01
N TRP A 108 16.74 1.23 -1.18
CA TRP A 108 16.82 2.68 -1.31
C TRP A 108 15.53 3.38 -0.92
N ARG A 109 14.60 2.59 -0.39
CA ARG A 109 13.40 3.04 0.30
C ARG A 109 13.30 2.18 1.55
N GLY A 110 12.83 2.74 2.66
CA GLY A 110 12.80 2.01 3.91
C GLY A 110 11.60 1.07 3.98
N GLN A 111 11.36 0.48 5.14
CA GLN A 111 10.22 -0.42 5.27
C GLN A 111 8.98 0.33 5.73
N GLY A 112 9.15 1.59 6.14
CA GLY A 112 8.03 2.44 6.42
C GLY A 112 7.64 2.57 7.90
N THR A 113 6.90 3.62 8.21
CA THR A 113 6.37 3.81 9.54
C THR A 113 4.90 4.21 9.39
N GLN A 114 4.00 3.56 10.11
CA GLN A 114 2.56 3.80 9.91
C GLN A 114 2.06 5.02 10.65
N VAL A 115 1.31 5.89 9.96
CA VAL A 115 0.61 6.90 10.71
C VAL A 115 -0.90 6.81 10.43
N THR A 116 -1.65 6.77 11.51
CA THR A 116 -3.07 6.61 11.44
C THR A 116 -3.68 7.77 12.17
N VAL A 117 -4.45 8.55 11.43
CA VAL A 117 -5.08 9.74 11.93
C VAL A 117 -6.56 9.47 12.02
N SER A 118 -7.06 9.23 13.21
CA SER A 118 -8.44 8.81 13.32
C SER A 118 -9.20 9.40 14.49
N SER A 119 -10.43 9.83 14.20
CA SER A 119 -11.39 10.24 15.21
C SER A 119 -11.82 9.07 16.10
N GLN B 3 3.16 -20.62 10.00
CA GLN B 3 2.77 -21.07 8.67
C GLN B 3 2.28 -19.94 7.75
N VAL B 4 2.65 -20.03 6.47
CA VAL B 4 2.09 -19.17 5.41
C VAL B 4 0.58 -19.34 5.29
N GLN B 5 -0.14 -18.23 5.36
CA GLN B 5 -1.58 -18.24 5.36
C GLN B 5 -2.17 -17.05 4.62
N LEU B 6 -3.15 -17.31 3.77
CA LEU B 6 -3.94 -16.27 3.15
C LEU B 6 -5.41 -16.60 3.37
N GLN B 7 -6.15 -15.69 4.00
CA GLN B 7 -7.54 -15.95 4.33
C GLN B 7 -8.47 -14.88 3.78
N GLU B 8 -9.22 -15.24 2.75
CA GLU B 8 -10.19 -14.35 2.13
C GLU B 8 -11.47 -14.30 2.95
N SER B 9 -12.23 -13.22 2.81
CA SER B 9 -13.52 -13.11 3.46
C SER B 9 -14.31 -12.00 2.79
N GLY B 10 -15.62 -11.97 3.02
CA GLY B 10 -16.44 -10.88 2.53
C GLY B 10 -17.28 -11.24 1.34
N GLY B 11 -17.21 -12.51 0.94
CA GLY B 11 -18.04 -12.96 -0.15
C GLY B 11 -19.45 -13.06 0.36
N GLY B 12 -20.40 -13.21 -0.55
CA GLY B 12 -21.78 -13.48 -0.17
C GLY B 12 -22.68 -13.41 -1.37
N LEU B 13 -23.98 -13.32 -1.13
CA LEU B 13 -24.94 -13.20 -2.22
C LEU B 13 -25.22 -11.72 -2.44
N VAL B 14 -25.30 -11.32 -3.70
CA VAL B 14 -25.56 -9.93 -4.00
C VAL B 14 -26.42 -9.84 -5.26
N GLN B 15 -27.22 -8.80 -5.34
CA GLN B 15 -28.08 -8.60 -6.50
C GLN B 15 -27.27 -7.93 -7.59
N PRO B 16 -27.60 -8.22 -8.85
CA PRO B 16 -26.87 -7.65 -10.00
C PRO B 16 -26.81 -6.13 -9.94
N GLY B 17 -25.67 -5.56 -10.29
CA GLY B 17 -25.47 -4.13 -10.18
C GLY B 17 -25.01 -3.75 -8.78
N GLY B 18 -24.94 -4.75 -7.89
CA GLY B 18 -24.56 -4.52 -6.50
C GLY B 18 -23.06 -4.33 -6.27
N SER B 19 -22.71 -4.17 -5.01
CA SER B 19 -21.32 -3.95 -4.58
C SER B 19 -20.93 -4.88 -3.46
N LEU B 20 -19.64 -5.22 -3.43
CA LEU B 20 -19.08 -6.07 -2.40
C LEU B 20 -17.61 -5.74 -2.22
N THR B 21 -17.09 -5.91 -1.01
CA THR B 21 -15.67 -5.69 -0.78
C THR B 21 -15.05 -6.93 -0.15
N LEU B 22 -14.10 -7.53 -0.85
CA LEU B 22 -13.39 -8.69 -0.32
C LEU B 22 -12.14 -8.28 0.41
N SER B 23 -11.78 -9.03 1.44
CA SER B 23 -10.54 -8.84 2.15
C SER B 23 -9.76 -10.12 2.22
N CYS B 24 -8.45 -9.98 2.37
CA CYS B 24 -7.56 -11.09 2.48
C CYS B 24 -6.49 -10.80 3.51
N ALA B 25 -6.54 -11.53 4.62
CA ALA B 25 -5.56 -11.39 5.68
C ALA B 25 -4.38 -12.31 5.42
N ALA B 26 -3.19 -11.73 5.34
CA ALA B 26 -1.97 -12.47 5.12
C ALA B 26 -1.13 -12.57 6.39
N SER B 27 -0.55 -13.75 6.60
CA SER B 27 0.30 -13.97 7.74
C SER B 27 1.32 -15.06 7.44
N GLY B 28 2.40 -15.08 8.18
CA GLY B 28 3.36 -16.15 8.08
C GLY B 28 4.43 -15.91 7.05
N PHE B 29 4.36 -14.76 6.39
CA PHE B 29 5.36 -14.39 5.41
C PHE B 29 5.38 -12.87 5.34
N THR B 30 6.40 -12.30 4.70
CA THR B 30 6.49 -10.86 4.66
C THR B 30 5.65 -10.31 3.53
N PHE B 31 4.41 -9.96 3.84
CA PHE B 31 3.39 -9.53 2.89
C PHE B 31 3.91 -8.50 1.90
N SER B 32 4.59 -7.50 2.42
CA SER B 32 4.96 -6.36 1.58
C SER B 32 6.08 -6.71 0.61
N SER B 33 6.68 -7.88 0.75
CA SER B 33 7.70 -8.31 -0.20
C SER B 33 7.11 -8.96 -1.47
N TYR B 34 5.78 -8.97 -1.59
CA TYR B 34 5.15 -9.67 -2.71
C TYR B 34 4.15 -8.82 -3.48
N SER B 35 4.21 -8.88 -4.80
CA SER B 35 3.08 -8.47 -5.61
C SER B 35 1.91 -9.39 -5.25
N MET B 36 0.69 -8.87 -5.25
CA MET B 36 -0.47 -9.67 -4.89
C MET B 36 -1.52 -9.70 -6.00
N TYR B 37 -2.30 -10.78 -6.01
CA TYR B 37 -3.27 -11.08 -7.05
C TYR B 37 -4.61 -11.47 -6.48
N TRP B 38 -5.67 -11.10 -7.18
CA TRP B 38 -6.96 -11.74 -7.04
C TRP B 38 -7.18 -12.61 -8.27
N VAL B 39 -7.61 -13.85 -8.04
CA VAL B 39 -8.01 -14.75 -9.12
C VAL B 39 -9.36 -15.37 -8.74
N ARG B 40 -10.08 -15.91 -9.71
CA ARG B 40 -11.38 -16.45 -9.42
C ARG B 40 -11.62 -17.74 -10.21
N GLN B 41 -12.32 -18.70 -9.62
CA GLN B 41 -12.69 -19.90 -10.37
C GLN B 41 -14.17 -20.14 -10.31
N ALA B 42 -14.71 -20.46 -11.46
CA ALA B 42 -16.12 -20.73 -11.63
C ALA B 42 -16.25 -21.91 -12.58
N PRO B 43 -17.22 -22.79 -12.32
CA PRO B 43 -17.47 -24.00 -13.11
C PRO B 43 -17.49 -23.71 -14.60
N GLY B 44 -16.70 -24.44 -15.38
CA GLY B 44 -16.67 -24.24 -16.81
C GLY B 44 -15.66 -23.22 -17.28
N LYS B 45 -15.25 -22.32 -16.40
CA LYS B 45 -14.30 -21.29 -16.79
C LYS B 45 -12.93 -21.49 -16.16
N GLY B 46 -12.81 -22.48 -15.29
CA GLY B 46 -11.54 -22.75 -14.65
C GLY B 46 -11.09 -21.56 -13.81
N LEU B 47 -9.81 -21.22 -13.89
CA LEU B 47 -9.24 -20.16 -13.07
C LEU B 47 -8.89 -18.99 -13.95
N GLU B 48 -9.47 -17.82 -13.68
CA GLU B 48 -9.01 -16.65 -14.40
C GLU B 48 -8.54 -15.53 -13.48
N TRP B 49 -7.59 -14.77 -13.99
N TRP B 49 -7.56 -14.78 -13.93
CA TRP B 49 -6.99 -13.66 -13.28
CA TRP B 49 -7.01 -13.73 -13.09
C TRP B 49 -7.98 -12.50 -13.19
C TRP B 49 -7.93 -12.53 -13.16
N VAL B 50 -8.06 -11.86 -12.03
CA VAL B 50 -8.95 -10.71 -11.88
C VAL B 50 -8.15 -9.41 -11.82
N SER B 51 -7.15 -9.39 -10.94
CA SER B 51 -6.46 -8.13 -10.67
C SER B 51 -5.11 -8.35 -9.99
N SER B 52 -4.21 -7.37 -10.13
CA SER B 52 -2.89 -7.46 -9.52
C SER B 52 -2.41 -6.11 -9.03
N ILE B 53 -1.45 -6.14 -8.13
CA ILE B 53 -0.92 -4.93 -7.52
C ILE B 53 0.51 -5.19 -7.12
N ASN B 54 1.40 -4.21 -7.30
CA ASN B 54 2.82 -4.43 -6.99
C ASN B 54 3.04 -4.32 -5.50
N ARG B 55 4.28 -4.55 -5.07
CA ARG B 55 4.59 -4.69 -3.65
C ARG B 55 4.20 -3.48 -2.85
N VAL B 56 4.57 -2.31 -3.34
CA VAL B 56 4.45 -1.12 -2.54
C VAL B 56 3.05 -0.58 -2.70
N GLY B 57 2.37 -1.01 -3.76
CA GLY B 57 1.02 -0.55 -4.02
C GLY B 57 0.94 0.67 -4.89
N SER B 58 1.99 0.94 -5.68
CA SER B 58 1.98 2.05 -6.63
C SER B 58 1.48 1.71 -8.02
N ASN B 59 1.27 0.43 -8.31
CA ASN B 59 0.86 0.04 -9.65
C ASN B 59 -0.15 -1.13 -9.62
N THR B 60 -1.20 -1.03 -10.41
CA THR B 60 -2.23 -2.06 -10.41
C THR B 60 -2.65 -2.44 -11.83
N ASP B 61 -3.27 -3.60 -11.96
CA ASP B 61 -3.71 -4.09 -13.26
C ASP B 61 -4.97 -4.90 -13.14
N TYR B 62 -5.74 -4.95 -14.22
CA TYR B 62 -7.03 -5.65 -14.21
C TYR B 62 -7.26 -6.42 -15.49
N ALA B 63 -7.94 -7.56 -15.36
CA ALA B 63 -8.46 -8.29 -16.50
C ALA B 63 -9.47 -7.40 -17.19
N ASP B 64 -9.54 -7.50 -18.51
CA ASP B 64 -10.42 -6.65 -19.29
C ASP B 64 -11.84 -6.62 -18.78
N SER B 65 -12.36 -7.77 -18.38
CA SER B 65 -13.76 -7.88 -18.01
C SER B 65 -14.15 -7.17 -16.71
N VAL B 66 -13.18 -6.79 -15.88
CA VAL B 66 -13.53 -6.16 -14.61
C VAL B 66 -12.97 -4.75 -14.49
N LYS B 67 -12.24 -4.32 -15.53
CA LYS B 67 -11.62 -3.01 -15.54
C LYS B 67 -12.69 -1.94 -15.36
N GLY B 68 -12.41 -0.98 -14.51
CA GLY B 68 -13.36 0.09 -14.26
C GLY B 68 -14.43 -0.24 -13.23
N ARG B 69 -14.67 -1.52 -12.98
CA ARG B 69 -15.67 -1.92 -11.98
C ARG B 69 -15.03 -2.39 -10.69
N PHE B 70 -13.86 -3.01 -10.78
CA PHE B 70 -13.19 -3.57 -9.62
C PHE B 70 -11.99 -2.71 -9.25
N THR B 71 -11.68 -2.63 -7.95
CA THR B 71 -10.51 -1.90 -7.47
C THR B 71 -9.74 -2.73 -6.47
N ILE B 72 -8.48 -3.01 -6.78
CA ILE B 72 -7.62 -3.74 -5.86
C ILE B 72 -6.83 -2.72 -5.04
N SER B 73 -6.51 -3.06 -3.80
CA SER B 73 -5.68 -2.20 -2.96
C SER B 73 -5.07 -3.04 -1.88
N ARG B 74 -4.04 -2.51 -1.23
CA ARG B 74 -3.39 -3.22 -0.15
C ARG B 74 -3.01 -2.30 1.01
N ASP B 75 -2.92 -2.91 2.18
CA ASP B 75 -2.49 -2.26 3.39
C ASP B 75 -1.27 -3.00 3.91
N ASN B 76 -0.09 -2.43 3.71
CA ASN B 76 1.13 -3.12 4.07
C ASN B 76 1.46 -3.01 5.55
N ALA B 77 0.63 -2.29 6.29
CA ALA B 77 0.76 -2.27 7.74
C ALA B 77 -0.09 -3.35 8.35
N LYS B 78 -1.32 -3.49 7.87
CA LYS B 78 -2.20 -4.55 8.37
C LYS B 78 -1.99 -5.86 7.63
N ASN B 79 -1.14 -5.84 6.62
CA ASN B 79 -0.89 -6.99 5.77
C ASN B 79 -2.18 -7.56 5.21
N THR B 80 -2.95 -6.69 4.54
CA THR B 80 -4.25 -7.07 4.04
C THR B 80 -4.42 -6.65 2.59
N LEU B 81 -5.07 -7.52 1.81
CA LEU B 81 -5.40 -7.24 0.43
C LEU B 81 -6.89 -7.04 0.31
N TYR B 82 -7.32 -6.13 -0.56
CA TYR B 82 -8.73 -5.84 -0.76
C TYR B 82 -9.14 -5.89 -2.21
N LEU B 83 -10.39 -6.24 -2.46
CA LEU B 83 -10.94 -6.07 -3.78
C LEU B 83 -12.30 -5.41 -3.65
N GLN B 84 -12.40 -4.19 -4.13
CA GLN B 84 -13.69 -3.51 -4.14
C GLN B 84 -14.40 -3.82 -5.43
N MET B 85 -15.59 -4.40 -5.33
CA MET B 85 -16.32 -4.84 -6.52
C MET B 85 -17.61 -4.04 -6.70
N ASN B 86 -17.68 -3.22 -7.75
CA ASN B 86 -18.88 -2.44 -8.05
C ASN B 86 -19.54 -2.93 -9.32
N SER B 87 -20.80 -2.55 -9.51
CA SER B 87 -21.57 -2.89 -10.71
C SER B 87 -21.47 -4.37 -11.03
N LEU B 88 -21.73 -5.21 -10.04
CA LEU B 88 -21.52 -6.64 -10.21
C LEU B 88 -22.46 -7.26 -11.25
N LYS B 89 -21.96 -8.24 -11.99
CA LYS B 89 -22.74 -8.97 -12.99
C LYS B 89 -22.84 -10.43 -12.60
N SER B 90 -23.76 -11.18 -13.20
CA SER B 90 -23.88 -12.61 -12.92
C SER B 90 -22.61 -13.37 -13.36
N GLU B 91 -21.98 -12.91 -14.42
CA GLU B 91 -20.72 -13.48 -14.90
C GLU B 91 -19.58 -13.40 -13.87
N ASP B 92 -19.71 -12.52 -12.88
CA ASP B 92 -18.71 -12.37 -11.83
C ASP B 92 -18.86 -13.44 -10.73
N THR B 93 -19.94 -14.21 -10.79
CA THR B 93 -20.17 -15.28 -9.81
C THR B 93 -19.00 -16.25 -9.86
N ALA B 94 -18.38 -16.50 -8.71
CA ALA B 94 -17.15 -17.29 -8.65
C ALA B 94 -16.68 -17.44 -7.25
N LEU B 95 -15.73 -18.36 -7.09
CA LEU B 95 -14.94 -18.45 -5.88
C LEU B 95 -13.69 -17.57 -6.05
N TYR B 96 -13.53 -16.58 -5.17
CA TYR B 96 -12.47 -15.61 -5.29
C TYR B 96 -11.30 -15.91 -4.35
N TYR B 97 -10.10 -15.96 -4.92
CA TYR B 97 -8.91 -16.24 -4.14
C TYR B 97 -7.95 -15.06 -4.19
N CYS B 98 -7.21 -14.82 -3.10
CA CYS B 98 -6.06 -13.97 -3.26
C CYS B 98 -4.80 -14.82 -3.20
N ALA B 99 -3.74 -14.37 -3.86
CA ALA B 99 -2.59 -15.20 -4.13
C ALA B 99 -1.36 -14.33 -4.38
N VAL B 100 -0.16 -14.88 -4.20
CA VAL B 100 1.05 -14.10 -4.42
C VAL B 100 1.47 -14.15 -5.88
N GLY B 101 0.68 -14.81 -6.70
CA GLY B 101 0.98 -14.89 -8.11
C GLY B 101 -0.24 -15.39 -8.83
N MET B 102 -0.23 -15.21 -10.13
CA MET B 102 -1.31 -15.62 -11.02
C MET B 102 -1.58 -17.13 -10.93
N TYR B 103 -0.53 -17.89 -10.67
CA TYR B 103 -0.60 -19.34 -10.76
C TYR B 103 -0.22 -20.01 -9.46
N ALA B 104 -0.08 -19.22 -8.40
CA ALA B 104 0.32 -19.75 -7.11
C ALA B 104 -0.69 -20.75 -6.59
N ALA B 105 -0.21 -21.74 -5.85
CA ALA B 105 -1.06 -22.76 -5.24
C ALA B 105 -0.98 -22.66 -3.72
N PRO B 106 -1.97 -23.22 -3.00
CA PRO B 106 -1.90 -23.25 -1.53
C PRO B 106 -0.54 -23.75 -1.03
N PRO B 107 0.01 -23.12 0.01
CA PRO B 107 -0.61 -22.09 0.84
C PRO B 107 -0.47 -20.69 0.26
N TRP B 108 0.15 -20.57 -0.91
CA TRP B 108 0.41 -19.27 -1.51
C TRP B 108 -0.80 -18.73 -2.28
N ARG B 109 -1.88 -19.51 -2.27
CA ARG B 109 -3.21 -19.04 -2.66
C ARG B 109 -4.13 -19.43 -1.52
N GLY B 110 -5.11 -18.59 -1.20
CA GLY B 110 -6.02 -18.89 -0.11
C GLY B 110 -7.07 -19.93 -0.50
N GLN B 111 -7.97 -20.24 0.42
CA GLN B 111 -9.00 -21.24 0.17
C GLN B 111 -10.25 -20.65 -0.48
N GLY B 112 -10.32 -19.32 -0.55
CA GLY B 112 -11.35 -18.67 -1.34
C GLY B 112 -12.53 -18.14 -0.55
N THR B 113 -13.23 -17.18 -1.14
CA THR B 113 -14.50 -16.70 -0.61
C THR B 113 -15.48 -16.62 -1.78
N GLN B 114 -16.66 -17.19 -1.62
CA GLN B 114 -17.62 -17.29 -2.73
C GLN B 114 -18.39 -16.00 -2.87
N VAL B 115 -18.55 -15.50 -4.09
CA VAL B 115 -19.53 -14.47 -4.30
C VAL B 115 -20.47 -14.89 -5.42
N THR B 116 -21.76 -14.77 -5.12
CA THR B 116 -22.78 -15.16 -6.05
C THR B 116 -23.63 -13.95 -6.40
N VAL B 117 -23.71 -13.67 -7.69
CA VAL B 117 -24.51 -12.59 -8.18
C VAL B 117 -25.79 -13.12 -8.81
N SER B 118 -26.91 -12.95 -8.13
CA SER B 118 -28.20 -13.39 -8.65
C SER B 118 -29.31 -12.47 -8.19
CL CL C . -3.35 0.55 -2.66
CL CL D . -14.21 -25.67 -14.19
#